data_2WSH
#
_entry.id   2WSH
#
_cell.length_a   57.417
_cell.length_b   104.974
_cell.length_c   57.865
_cell.angle_alpha   90.00
_cell.angle_beta   113.56
_cell.angle_gamma   90.00
#
_symmetry.space_group_name_H-M   'P 1 21 1'
#
loop_
_entity.id
_entity.type
_entity.pdbx_description
1 polymer 'ENDONUCLEASE II'
2 non-polymer 'PHOSPHATE ION'
3 non-polymer DI(HYDROXYETHYL)ETHER
4 water water
#
_entity_poly.entity_id   1
_entity_poly.type   'polypeptide(L)'
_entity_poly.pdbx_seq_one_letter_code
;(MSE)HHHHHH(MSE)KEIATEYSFIKYTELELDDNGSIKQLSIPNKYNVIYAIAINDELVYIGKTKNLRKRINYYRTAI
NRKDKTSDSTKSALIHSALKEGSKVEFYARQCFNLS(MSE)TNELGT(MSE)TIATIDLEAPLFIKLFNPPWNIQHKKK
;
_entity_poly.pdbx_strand_id   A,B,C,D
#
# COMPACT_ATOMS: atom_id res chain seq x y z
N HIS A 6 -22.31 -18.63 13.56
CA HIS A 6 -21.07 -18.59 12.79
C HIS A 6 -20.00 -19.49 13.40
N HIS A 7 -19.76 -20.62 12.73
CA HIS A 7 -18.87 -21.67 13.24
C HIS A 7 -17.39 -21.31 13.06
N LYS A 9 -14.72 -23.10 13.09
CA LYS A 9 -13.92 -24.02 12.28
C LYS A 9 -13.75 -23.48 10.87
N GLU A 10 -14.86 -23.05 10.28
CA GLU A 10 -14.87 -22.59 8.89
C GLU A 10 -14.27 -21.19 8.76
N ILE A 11 -14.60 -20.33 9.70
CA ILE A 11 -14.05 -18.98 9.72
C ILE A 11 -12.52 -19.03 9.84
N ALA A 12 -12.03 -19.87 10.73
CA ALA A 12 -10.61 -19.98 10.99
C ALA A 12 -9.80 -20.32 9.73
N THR A 13 -10.35 -21.20 8.89
CA THR A 13 -9.65 -21.61 7.68
C THR A 13 -9.79 -20.59 6.56
N GLU A 14 -10.98 -20.02 6.42
CA GLU A 14 -11.25 -19.06 5.37
C GLU A 14 -10.46 -17.77 5.56
N TYR A 15 -10.22 -17.39 6.81
CA TYR A 15 -9.55 -16.12 7.10
C TYR A 15 -8.24 -16.29 7.86
N SER A 16 -7.73 -17.52 7.85
CA SER A 16 -6.46 -17.81 8.47
C SER A 16 -6.38 -17.36 9.93
N PHE A 17 -7.42 -17.68 10.70
CA PHE A 17 -7.34 -17.50 12.14
C PHE A 17 -6.66 -18.72 12.73
N ILE A 18 -5.63 -18.49 13.53
CA ILE A 18 -4.93 -19.58 14.19
C ILE A 18 -5.24 -19.55 15.67
N LYS A 19 -5.59 -20.71 16.23
CA LYS A 19 -5.92 -20.79 17.65
C LYS A 19 -4.74 -20.34 18.49
N TYR A 20 -5.00 -19.40 19.40
CA TYR A 20 -3.95 -18.83 20.21
C TYR A 20 -3.93 -19.49 21.58
N THR A 21 -5.08 -19.49 22.26
CA THR A 21 -5.17 -20.15 23.55
C THR A 21 -6.61 -20.47 23.94
N GLU A 22 -6.74 -21.22 25.03
CA GLU A 22 -8.04 -21.58 25.56
C GLU A 22 -8.05 -21.20 27.04
N LEU A 23 -9.22 -20.79 27.54
CA LEU A 23 -9.35 -20.48 28.96
C LEU A 23 -10.01 -21.63 29.69
N GLU A 24 -9.56 -21.90 30.91
CA GLU A 24 -10.10 -23.01 31.68
C GLU A 24 -10.06 -22.78 33.19
N LEU A 25 -11.15 -23.12 33.86
CA LEU A 25 -11.25 -22.97 35.30
C LEU A 25 -10.58 -24.15 36.01
N ASP A 26 -9.95 -23.89 37.14
CA ASP A 26 -9.35 -24.96 37.94
C ASP A 26 -10.35 -25.47 38.97
N ASP A 27 -9.89 -26.37 39.84
CA ASP A 27 -10.77 -27.06 40.79
C ASP A 27 -11.55 -26.13 41.71
N ASN A 28 -10.95 -25.01 42.10
CA ASN A 28 -11.66 -24.04 42.93
C ASN A 28 -12.21 -22.86 42.14
N GLY A 29 -12.14 -22.96 40.81
CA GLY A 29 -12.80 -22.01 39.93
C GLY A 29 -11.96 -20.82 39.50
N SER A 30 -10.65 -20.99 39.47
CA SER A 30 -9.77 -19.92 39.02
C SER A 30 -9.26 -20.19 37.61
N ILE A 31 -9.28 -19.16 36.76
CA ILE A 31 -8.72 -19.28 35.42
C ILE A 31 -7.22 -19.53 35.50
N LYS A 32 -6.80 -20.74 35.13
CA LYS A 32 -5.39 -21.11 35.20
C LYS A 32 -4.53 -20.12 34.43
N GLN A 33 -3.25 -20.06 34.79
CA GLN A 33 -2.32 -19.16 34.11
C GLN A 33 -2.10 -19.59 32.66
N LEU A 34 -1.60 -18.65 31.86
CA LEU A 34 -1.41 -18.89 30.44
C LEU A 34 0.07 -18.89 30.07
N SER A 35 0.55 -20.03 29.62
CA SER A 35 1.90 -20.11 29.07
C SER A 35 1.80 -20.01 27.56
N ILE A 36 2.05 -18.81 27.05
CA ILE A 36 1.88 -18.52 25.63
C ILE A 36 2.88 -17.47 25.17
N PRO A 37 3.43 -17.64 23.95
CA PRO A 37 4.31 -16.62 23.39
C PRO A 37 3.49 -15.39 23.06
N ASN A 38 4.13 -14.24 22.88
N ASN A 38 4.17 -14.26 22.86
CA ASN A 38 3.35 -13.04 22.58
CA ASN A 38 3.52 -13.01 22.49
C ASN A 38 3.08 -12.88 21.09
C ASN A 38 2.86 -13.11 21.11
N LYS A 39 2.03 -12.13 20.79
CA LYS A 39 1.55 -11.97 19.43
C LYS A 39 1.03 -10.54 19.34
N TYR A 40 1.57 -9.78 18.39
CA TYR A 40 1.30 -8.34 18.32
C TYR A 40 0.54 -7.99 17.04
N ASN A 41 -0.25 -6.92 17.13
CA ASN A 41 -0.89 -6.34 15.96
C ASN A 41 -1.81 -7.32 15.23
N VAL A 42 -2.84 -7.81 15.92
CA VAL A 42 -3.71 -8.83 15.34
C VAL A 42 -5.19 -8.52 15.52
N ILE A 43 -5.99 -9.14 14.67
CA ILE A 43 -7.42 -9.27 14.91
C ILE A 43 -7.57 -10.53 15.74
N TYR A 44 -8.30 -10.46 16.84
CA TYR A 44 -8.55 -11.66 17.61
C TYR A 44 -10.02 -12.03 17.63
N ALA A 45 -10.29 -13.30 17.82
CA ALA A 45 -11.65 -13.79 17.82
C ALA A 45 -11.89 -14.59 19.08
N ILE A 46 -13.00 -14.33 19.74
CA ILE A 46 -13.40 -15.13 20.88
C ILE A 46 -14.45 -16.11 20.42
N ALA A 47 -14.26 -17.39 20.76
CA ALA A 47 -15.19 -18.44 20.37
C ALA A 47 -15.68 -19.19 21.60
N ILE A 48 -16.99 -19.41 21.65
CA ILE A 48 -17.63 -20.13 22.75
C ILE A 48 -18.32 -21.36 22.15
N ASN A 49 -17.89 -22.54 22.57
CA ASN A 49 -18.38 -23.77 21.98
C ASN A 49 -18.22 -23.74 20.46
N ASP A 50 -17.06 -23.23 20.02
N ASP A 50 -17.03 -23.30 20.03
CA ASP A 50 -16.70 -23.19 18.61
CA ASP A 50 -16.71 -23.16 18.62
C ASP A 50 -17.46 -22.13 17.81
C ASP A 50 -17.72 -22.32 17.85
N GLU A 51 -18.21 -21.27 18.49
CA GLU A 51 -19.02 -20.27 17.80
C GLU A 51 -18.50 -18.86 18.08
N LEU A 52 -18.31 -18.10 17.01
CA LEU A 52 -17.76 -16.76 17.10
C LEU A 52 -18.68 -15.84 17.89
N VAL A 53 -18.17 -15.22 18.94
CA VAL A 53 -18.97 -14.27 19.71
C VAL A 53 -18.42 -12.84 19.67
N TYR A 54 -17.14 -12.69 19.29
CA TYR A 54 -16.52 -11.37 19.35
C TYR A 54 -15.30 -11.24 18.46
N ILE A 55 -15.20 -10.10 17.78
CA ILE A 55 -14.02 -9.73 17.02
C ILE A 55 -13.39 -8.51 17.67
N GLY A 56 -12.13 -8.64 18.08
CA GLY A 56 -11.40 -7.52 18.66
C GLY A 56 -10.13 -7.22 17.89
N LYS A 57 -9.49 -6.10 18.21
CA LYS A 57 -8.17 -5.81 17.67
C LYS A 57 -7.26 -5.42 18.83
N THR A 58 -5.97 -5.70 18.69
CA THR A 58 -5.01 -5.41 19.76
C THR A 58 -3.57 -5.31 19.29
N LYS A 59 -2.81 -4.43 19.94
CA LYS A 59 -1.38 -4.29 19.67
C LYS A 59 -0.59 -5.39 20.37
N ASN A 60 -1.24 -6.07 21.31
CA ASN A 60 -0.56 -7.03 22.18
C ASN A 60 -1.53 -8.05 22.78
N LEU A 61 -1.60 -9.23 22.17
CA LEU A 61 -2.64 -10.20 22.51
C LEU A 61 -2.46 -10.86 23.87
N ARG A 62 -1.21 -11.15 24.24
CA ARG A 62 -0.96 -11.79 25.53
C ARG A 62 -1.43 -10.85 26.64
N LYS A 63 -1.18 -9.56 26.47
CA LYS A 63 -1.62 -8.57 27.45
C LYS A 63 -3.14 -8.48 27.53
N ARG A 64 -3.80 -8.47 26.37
N ARG A 64 -3.80 -8.45 26.37
CA ARG A 64 -5.25 -8.35 26.30
CA ARG A 64 -5.26 -8.35 26.36
C ARG A 64 -5.96 -9.54 26.96
C ARG A 64 -5.92 -9.54 27.03
N ILE A 65 -5.50 -10.74 26.65
CA ILE A 65 -6.09 -11.95 27.23
C ILE A 65 -5.89 -11.97 28.75
N ASN A 66 -4.68 -11.68 29.19
CA ASN A 66 -4.40 -11.64 30.62
C ASN A 66 -5.23 -10.60 31.36
N TYR A 67 -5.56 -9.51 30.67
CA TYR A 67 -6.48 -8.51 31.18
C TYR A 67 -7.82 -9.18 31.50
N TYR A 68 -8.33 -9.95 30.55
CA TYR A 68 -9.57 -10.70 30.75
C TYR A 68 -9.43 -11.64 31.95
N ARG A 69 -8.38 -12.45 31.95
CA ARG A 69 -8.15 -13.40 33.02
C ARG A 69 -8.12 -12.74 34.40
N THR A 70 -7.36 -11.65 34.49
CA THR A 70 -7.21 -10.94 35.75
C THR A 70 -8.54 -10.35 36.24
N ALA A 71 -9.22 -9.62 35.37
CA ALA A 71 -10.51 -9.04 35.71
C ALA A 71 -11.45 -10.09 36.28
N ILE A 72 -11.45 -11.27 35.68
CA ILE A 72 -12.36 -12.33 36.09
C ILE A 72 -11.92 -12.97 37.41
N ASN A 73 -10.65 -13.29 37.51
CA ASN A 73 -10.12 -13.89 38.74
C ASN A 73 -10.24 -12.95 39.93
N ARG A 74 -10.10 -11.66 39.69
CA ARG A 74 -10.21 -10.67 40.76
C ARG A 74 -11.65 -10.26 41.02
N LYS A 75 -12.57 -10.76 40.19
CA LYS A 75 -13.97 -10.35 40.28
C LYS A 75 -14.07 -8.84 40.20
N ASP A 76 -13.29 -8.25 39.30
CA ASP A 76 -13.25 -6.81 39.11
C ASP A 76 -14.31 -6.34 38.12
N LYS A 77 -15.25 -5.52 38.61
CA LYS A 77 -16.37 -5.05 37.81
C LYS A 77 -16.25 -3.58 37.39
N THR A 78 -15.06 -3.03 37.58
N THR A 78 -15.07 -3.00 37.58
CA THR A 78 -14.78 -1.63 37.25
CA THR A 78 -14.85 -1.61 37.20
C THR A 78 -14.31 -1.52 35.79
C THR A 78 -14.33 -1.51 35.77
N SER A 79 -14.05 -2.66 35.19
CA SER A 79 -13.33 -2.74 33.92
C SER A 79 -14.00 -2.27 32.63
N ASP A 80 -15.27 -1.87 32.68
CA ASP A 80 -16.09 -1.96 31.48
C ASP A 80 -16.03 -3.45 31.20
N SER A 81 -16.85 -4.18 31.95
CA SER A 81 -16.60 -5.58 32.22
C SER A 81 -17.66 -6.51 31.64
N THR A 82 -18.45 -5.99 30.70
CA THR A 82 -19.49 -6.81 30.09
C THR A 82 -18.89 -8.06 29.45
N LYS A 83 -17.84 -7.88 28.65
CA LYS A 83 -17.18 -9.00 28.01
C LYS A 83 -16.58 -9.97 29.03
N SER A 84 -15.87 -9.42 30.01
N SER A 84 -15.88 -9.42 30.02
CA SER A 84 -15.29 -10.26 31.06
CA SER A 84 -15.28 -10.25 31.06
C SER A 84 -16.39 -11.05 31.78
C SER A 84 -16.38 -11.03 31.80
N ALA A 85 -17.53 -10.40 31.98
CA ALA A 85 -18.67 -11.02 32.64
C ALA A 85 -19.29 -12.11 31.77
N LEU A 86 -19.31 -11.88 30.46
CA LEU A 86 -19.85 -12.87 29.52
C LEU A 86 -18.94 -14.09 29.45
N ILE A 87 -17.63 -13.85 29.44
CA ILE A 87 -16.64 -14.92 29.43
C ILE A 87 -16.76 -15.78 30.68
N HIS A 88 -16.96 -15.13 31.82
CA HIS A 88 -17.03 -15.85 33.09
C HIS A 88 -18.27 -16.74 33.19
N SER A 89 -19.40 -16.25 32.70
CA SER A 89 -20.63 -17.05 32.71
C SER A 89 -20.55 -18.19 31.70
N ALA A 90 -19.82 -17.98 30.61
CA ALA A 90 -19.58 -19.07 29.67
C ALA A 90 -18.77 -20.16 30.36
N LEU A 91 -17.69 -19.75 31.01
CA LEU A 91 -16.85 -20.66 31.77
C LEU A 91 -17.67 -21.40 32.83
N LYS A 92 -18.46 -20.65 33.59
CA LYS A 92 -19.30 -21.23 34.64
C LYS A 92 -20.31 -22.23 34.08
N GLU A 93 -20.95 -21.86 32.97
CA GLU A 93 -21.89 -22.76 32.30
C GLU A 93 -21.17 -23.98 31.72
N GLY A 94 -19.87 -24.05 31.97
CA GLY A 94 -19.05 -25.18 31.56
C GLY A 94 -18.71 -25.21 30.08
N SER A 95 -18.81 -24.05 29.43
CA SER A 95 -18.55 -23.96 27.99
C SER A 95 -17.06 -23.85 27.68
N LYS A 96 -16.71 -24.09 26.43
CA LYS A 96 -15.32 -23.97 25.98
C LYS A 96 -15.08 -22.55 25.46
N VAL A 97 -14.02 -21.91 25.94
CA VAL A 97 -13.73 -20.53 25.56
C VAL A 97 -12.36 -20.42 24.89
N GLU A 98 -12.38 -20.06 23.60
CA GLU A 98 -11.15 -20.03 22.82
C GLU A 98 -10.87 -18.66 22.22
N PHE A 99 -9.58 -18.33 22.12
CA PHE A 99 -9.14 -17.14 21.41
C PHE A 99 -8.37 -17.54 20.17
N TYR A 100 -8.73 -16.94 19.03
CA TYR A 100 -7.99 -17.10 17.79
C TYR A 100 -7.34 -15.77 17.43
N ALA A 101 -6.26 -15.83 16.66
CA ALA A 101 -5.59 -14.61 16.21
C ALA A 101 -5.35 -14.63 14.72
N ARG A 102 -5.61 -13.49 14.07
CA ARG A 102 -5.29 -13.32 12.66
C ARG A 102 -4.24 -12.22 12.51
N GLN A 103 -3.05 -12.60 12.07
CA GLN A 103 -1.93 -11.66 12.02
C GLN A 103 -2.16 -10.56 10.99
N CYS A 104 -2.07 -9.31 11.44
CA CYS A 104 -2.16 -8.18 10.54
C CYS A 104 -0.81 -7.48 10.45
N PHE A 105 -0.72 -6.44 9.63
CA PHE A 105 0.56 -5.79 9.38
C PHE A 105 0.40 -4.28 9.28
N ASN A 106 1.47 -3.60 8.87
CA ASN A 106 1.44 -2.16 8.73
C ASN A 106 1.79 -1.68 7.33
N LEU A 107 1.15 -0.60 6.90
CA LEU A 107 1.43 0.00 5.61
C LEU A 107 1.83 1.45 5.81
N SER A 108 2.90 1.86 5.12
CA SER A 108 3.40 3.22 5.25
C SER A 108 3.63 3.83 3.88
N THR A 110 5.50 7.44 2.21
CA THR A 110 6.31 8.62 2.49
C THR A 110 6.44 9.53 1.28
N ASN A 111 6.15 10.81 1.48
CA ASN A 111 6.51 11.85 0.52
C ASN A 111 7.00 13.08 1.25
N GLU A 112 6.98 14.24 0.60
CA GLU A 112 7.54 15.44 1.20
C GLU A 112 6.78 15.92 2.44
N LEU A 113 5.56 15.42 2.63
CA LEU A 113 4.76 15.78 3.78
C LEU A 113 5.16 14.98 5.02
N GLY A 114 5.93 13.93 4.82
CA GLY A 114 6.32 13.05 5.91
C GLY A 114 5.84 11.64 5.66
N THR A 115 5.57 10.89 6.72
CA THR A 115 5.13 9.51 6.59
C THR A 115 3.73 9.28 7.13
N THR A 117 0.87 6.35 7.94
N THR A 117 0.87 6.35 7.94
CA THR A 117 0.88 4.92 8.25
CA THR A 117 0.88 4.92 8.27
C THR A 117 -0.48 4.41 8.72
C THR A 117 -0.48 4.40 8.73
N ILE A 118 -0.77 3.16 8.38
CA ILE A 118 -2.01 2.50 8.80
C ILE A 118 -1.75 1.08 9.29
N ALA A 119 -2.26 0.76 10.47
CA ALA A 119 -2.28 -0.62 10.94
C ALA A 119 -3.52 -1.27 10.36
N THR A 120 -3.34 -2.38 9.65
CA THR A 120 -4.46 -2.98 8.93
C THR A 120 -5.55 -3.53 9.85
N ILE A 121 -5.22 -3.79 11.12
CA ILE A 121 -6.26 -4.16 12.08
C ILE A 121 -7.35 -3.09 12.10
N ASP A 122 -6.93 -1.83 11.95
CA ASP A 122 -7.87 -0.72 11.95
C ASP A 122 -8.81 -0.78 10.75
N LEU A 123 -8.35 -1.40 9.68
CA LEU A 123 -9.15 -1.56 8.46
C LEU A 123 -10.01 -2.82 8.50
N GLU A 124 -9.51 -3.86 9.14
CA GLU A 124 -10.15 -5.17 9.07
C GLU A 124 -11.25 -5.37 10.11
N ALA A 125 -11.03 -4.87 11.32
CA ALA A 125 -12.00 -5.07 12.40
C ALA A 125 -13.41 -4.64 11.99
N PRO A 126 -13.55 -3.41 11.46
CA PRO A 126 -14.88 -2.94 11.02
C PRO A 126 -15.52 -3.89 10.01
N LEU A 127 -14.70 -4.46 9.12
CA LEU A 127 -15.22 -5.33 8.06
C LEU A 127 -15.62 -6.71 8.59
N PHE A 128 -14.88 -7.22 9.57
CA PHE A 128 -15.24 -8.49 10.19
C PHE A 128 -16.53 -8.34 10.99
N ILE A 129 -16.67 -7.22 11.67
CA ILE A 129 -17.86 -6.96 12.47
C ILE A 129 -19.11 -6.85 11.58
N LYS A 130 -19.00 -6.10 10.49
CA LYS A 130 -20.10 -5.99 9.53
C LYS A 130 -20.39 -7.33 8.88
N LEU A 131 -19.36 -8.15 8.73
CA LEU A 131 -19.50 -9.44 8.07
C LEU A 131 -20.23 -10.46 8.93
N PHE A 132 -19.81 -10.58 10.18
CA PHE A 132 -20.34 -11.64 11.06
C PHE A 132 -21.36 -11.15 12.09
N ASN A 133 -21.41 -9.84 12.34
CA ASN A 133 -22.24 -9.32 13.43
C ASN A 133 -22.08 -10.14 14.70
N PRO A 134 -20.84 -10.29 15.20
CA PRO A 134 -20.67 -11.09 16.41
C PRO A 134 -21.51 -10.48 17.54
N PRO A 135 -22.10 -11.33 18.39
CA PRO A 135 -23.05 -10.93 19.43
C PRO A 135 -22.48 -9.93 20.42
N TRP A 136 -21.21 -10.09 20.77
CA TRP A 136 -20.59 -9.28 21.81
C TRP A 136 -20.07 -7.94 21.29
N ASN A 137 -20.13 -7.74 19.99
CA ASN A 137 -19.71 -6.47 19.40
C ASN A 137 -20.86 -5.47 19.37
N ILE A 138 -20.78 -4.47 20.26
CA ILE A 138 -21.81 -3.45 20.34
C ILE A 138 -21.66 -2.48 19.17
N GLN A 139 -22.64 -2.48 18.27
CA GLN A 139 -22.60 -1.65 17.08
C GLN A 139 -23.32 -0.31 17.28
N HIS B 6 0.99 33.18 2.57
CA HIS B 6 1.89 32.33 1.78
C HIS B 6 1.79 32.63 0.28
N HIS B 7 2.92 32.94 -0.34
CA HIS B 7 2.94 33.17 -1.77
C HIS B 7 2.76 31.85 -2.51
N LYS B 9 3.26 30.84 -5.74
CA LYS B 9 4.31 30.37 -6.64
C LYS B 9 5.42 29.64 -5.92
N GLU B 10 5.64 29.98 -4.65
CA GLU B 10 6.71 29.36 -3.87
C GLU B 10 6.24 28.03 -3.28
N ILE B 11 4.96 27.97 -2.93
CA ILE B 11 4.37 26.72 -2.46
C ILE B 11 4.30 25.74 -3.62
N ALA B 12 3.96 26.25 -4.80
CA ALA B 12 3.82 25.42 -6.00
C ALA B 12 5.12 24.68 -6.34
N THR B 13 6.23 25.40 -6.32
CA THR B 13 7.53 24.80 -6.65
C THR B 13 7.89 23.74 -5.64
N GLU B 14 7.74 24.06 -4.36
CA GLU B 14 8.16 23.19 -3.27
C GLU B 14 7.31 21.94 -3.10
N TYR B 15 6.00 22.08 -3.28
CA TYR B 15 5.09 20.95 -3.08
C TYR B 15 4.45 20.46 -4.36
N SER B 16 5.03 20.86 -5.49
CA SER B 16 4.65 20.34 -6.78
C SER B 16 3.17 20.56 -7.11
N PHE B 17 2.71 21.79 -6.98
CA PHE B 17 1.42 22.20 -7.51
C PHE B 17 1.66 22.79 -8.90
N ILE B 18 0.80 22.41 -9.85
CA ILE B 18 0.82 23.05 -11.16
C ILE B 18 -0.34 24.02 -11.25
N LYS B 19 -0.14 25.13 -11.95
CA LYS B 19 -1.25 26.05 -12.20
C LYS B 19 -2.21 25.35 -13.13
N TYR B 20 -3.46 25.22 -12.70
CA TYR B 20 -4.45 24.53 -13.51
C TYR B 20 -5.23 25.52 -14.36
N THR B 21 -5.72 26.59 -13.74
CA THR B 21 -6.42 27.61 -14.49
C THR B 21 -6.53 28.91 -13.71
N GLU B 22 -6.71 30.02 -14.43
CA GLU B 22 -7.05 31.29 -13.82
C GLU B 22 -8.45 31.67 -14.28
N LEU B 23 -9.34 31.92 -13.32
CA LEU B 23 -10.73 32.24 -13.64
C LEU B 23 -10.87 33.64 -14.27
N GLU B 24 -11.74 33.75 -15.26
CA GLU B 24 -12.01 35.04 -15.88
C GLU B 24 -13.50 35.23 -16.14
N LEU B 25 -13.97 36.47 -15.99
CA LEU B 25 -15.36 36.81 -16.26
C LEU B 25 -15.55 37.09 -17.74
N ASP B 26 -16.72 36.76 -18.27
CA ASP B 26 -16.98 36.99 -19.68
C ASP B 26 -17.65 38.34 -19.91
N ASP B 27 -18.01 38.58 -21.17
CA ASP B 27 -18.60 39.85 -21.59
C ASP B 27 -19.71 40.29 -20.64
N ASN B 28 -20.40 39.34 -20.02
CA ASN B 28 -21.55 39.66 -19.18
C ASN B 28 -21.38 39.31 -17.70
N GLY B 29 -20.14 39.24 -17.24
CA GLY B 29 -19.84 39.14 -15.82
C GLY B 29 -20.05 37.80 -15.14
N SER B 30 -20.23 36.74 -15.91
CA SER B 30 -20.27 35.40 -15.35
C SER B 30 -18.95 34.69 -15.64
N ILE B 31 -18.58 33.76 -14.76
CA ILE B 31 -17.30 33.08 -14.90
C ILE B 31 -17.26 32.20 -16.13
N LYS B 32 -16.25 32.38 -16.96
CA LYS B 32 -16.09 31.56 -18.15
C LYS B 32 -15.90 30.11 -17.77
N GLN B 33 -16.61 29.22 -18.46
CA GLN B 33 -16.43 27.79 -18.24
C GLN B 33 -15.07 27.34 -18.75
N LEU B 34 -14.62 26.19 -18.26
CA LEU B 34 -13.32 25.66 -18.65
C LEU B 34 -13.42 24.79 -19.89
N SER B 35 -12.39 24.85 -20.74
CA SER B 35 -12.28 23.95 -21.87
C SER B 35 -10.86 23.41 -21.95
N ILE B 36 -10.36 22.93 -20.82
CA ILE B 36 -9.05 22.29 -20.75
C ILE B 36 -9.23 20.89 -20.18
N PRO B 37 -8.22 20.02 -20.38
CA PRO B 37 -8.33 18.65 -19.89
C PRO B 37 -8.56 18.59 -18.38
N ASN B 38 -9.31 17.59 -17.94
CA ASN B 38 -9.66 17.44 -16.54
C ASN B 38 -8.52 16.81 -15.74
N LYS B 39 -8.56 16.97 -14.42
CA LYS B 39 -7.66 16.26 -13.52
C LYS B 39 -8.45 15.57 -12.42
N TYR B 40 -7.95 14.43 -11.96
CA TYR B 40 -8.66 13.64 -10.97
C TYR B 40 -7.79 13.38 -9.76
N ASN B 41 -8.42 13.27 -8.59
CA ASN B 41 -7.73 12.93 -7.36
C ASN B 41 -6.59 13.90 -7.06
N VAL B 42 -6.93 15.16 -6.85
CA VAL B 42 -5.92 16.16 -6.57
C VAL B 42 -6.18 16.89 -5.28
N ILE B 43 -5.11 17.43 -4.70
CA ILE B 43 -5.23 18.49 -3.72
C ILE B 43 -5.24 19.76 -4.55
N TYR B 44 -6.17 20.66 -4.31
CA TYR B 44 -6.15 21.92 -5.03
C TYR B 44 -5.92 23.09 -4.09
N ALA B 45 -5.27 24.12 -4.60
CA ALA B 45 -5.04 25.32 -3.85
C ALA B 45 -5.70 26.46 -4.58
N ILE B 46 -6.47 27.28 -3.86
CA ILE B 46 -7.05 28.49 -4.44
C ILE B 46 -6.16 29.67 -4.07
N ALA B 47 -5.77 30.45 -5.08
CA ALA B 47 -4.92 31.61 -4.84
C ALA B 47 -5.60 32.89 -5.32
N ILE B 48 -5.59 33.90 -4.46
CA ILE B 48 -6.07 35.22 -4.84
C ILE B 48 -4.90 36.19 -4.86
N ASN B 49 -4.64 36.78 -6.02
CA ASN B 49 -3.51 37.68 -6.19
C ASN B 49 -2.21 37.05 -5.71
N ASP B 50 -2.03 35.76 -6.02
CA ASP B 50 -0.81 35.02 -5.72
C ASP B 50 -0.66 34.67 -4.25
N GLU B 51 -1.74 34.85 -3.48
CA GLU B 51 -1.77 34.43 -2.09
C GLU B 51 -2.64 33.18 -1.91
N LEU B 52 -2.11 32.20 -1.20
CA LEU B 52 -2.87 30.98 -0.91
C LEU B 52 -3.99 31.25 0.08
N VAL B 53 -5.24 30.96 -0.31
CA VAL B 53 -6.36 31.23 0.56
C VAL B 53 -7.08 29.97 1.03
N TYR B 54 -6.92 28.88 0.27
CA TYR B 54 -7.65 27.66 0.57
C TYR B 54 -6.96 26.40 0.04
N ILE B 55 -7.02 25.34 0.84
CA ILE B 55 -6.58 24.01 0.43
C ILE B 55 -7.76 23.07 0.40
N GLY B 56 -7.99 22.45 -0.75
CA GLY B 56 -9.12 21.53 -0.89
C GLY B 56 -8.68 20.21 -1.46
N LYS B 57 -9.60 19.25 -1.48
CA LYS B 57 -9.39 17.97 -2.12
C LYS B 57 -10.61 17.63 -2.96
N THR B 58 -10.39 16.92 -4.07
CA THR B 58 -11.47 16.51 -4.94
C THR B 58 -11.06 15.38 -5.86
N LYS B 59 -12.03 14.56 -6.24
CA LYS B 59 -11.79 13.45 -7.16
C LYS B 59 -11.95 13.90 -8.61
N ASN B 60 -12.55 15.08 -8.80
CA ASN B 60 -12.82 15.58 -10.14
C ASN B 60 -12.69 17.11 -10.16
N LEU B 61 -11.57 17.61 -10.67
CA LEU B 61 -11.27 19.04 -10.58
C LEU B 61 -12.23 19.93 -11.37
N ARG B 62 -12.58 19.55 -12.60
CA ARG B 62 -13.49 20.35 -13.40
C ARG B 62 -14.86 20.43 -12.75
N LYS B 63 -15.32 19.31 -12.20
CA LYS B 63 -16.58 19.27 -11.47
C LYS B 63 -16.56 20.20 -10.26
N ARG B 64 -15.48 20.15 -9.48
N ARG B 64 -15.47 20.16 -9.49
CA ARG B 64 -15.35 21.00 -8.30
CA ARG B 64 -15.36 20.99 -8.29
C ARG B 64 -15.40 22.47 -8.70
C ARG B 64 -15.30 22.49 -8.62
N ILE B 65 -14.64 22.83 -9.73
CA ILE B 65 -14.60 24.22 -10.17
C ILE B 65 -15.96 24.68 -10.72
N ASN B 66 -16.69 23.77 -11.37
CA ASN B 66 -18.05 24.06 -11.80
C ASN B 66 -18.91 24.40 -10.59
N TYR B 67 -18.68 23.68 -9.49
CA TYR B 67 -19.42 23.94 -8.26
C TYR B 67 -19.12 25.33 -7.72
N TYR B 68 -17.85 25.70 -7.70
CA TYR B 68 -17.49 27.05 -7.24
C TYR B 68 -18.04 28.10 -8.17
N ARG B 69 -18.11 27.77 -9.46
CA ARG B 69 -18.66 28.66 -10.47
C ARG B 69 -20.12 29.03 -10.23
N THR B 70 -20.89 28.07 -9.70
CA THR B 70 -22.34 28.19 -9.69
C THR B 70 -22.99 28.13 -8.31
N ALA B 71 -22.21 27.76 -7.29
CA ALA B 71 -22.79 27.51 -5.96
C ALA B 71 -23.66 28.66 -5.46
N ILE B 72 -23.15 29.88 -5.52
CA ILE B 72 -23.89 31.02 -4.98
C ILE B 72 -25.15 31.33 -5.76
N ASN B 73 -25.28 30.75 -6.96
CA ASN B 73 -26.45 31.01 -7.81
C ASN B 73 -27.49 29.91 -7.74
N ARG B 74 -27.20 28.86 -6.98
CA ARG B 74 -28.10 27.71 -6.86
C ARG B 74 -29.10 27.90 -5.73
N LYS B 75 -30.36 28.14 -6.08
CA LYS B 75 -31.42 28.32 -5.09
C LYS B 75 -31.75 27.02 -4.35
N ASP B 76 -31.59 25.89 -5.05
CA ASP B 76 -31.91 24.59 -4.48
C ASP B 76 -31.01 24.23 -3.30
N LYS B 77 -29.82 24.82 -3.26
CA LYS B 77 -28.85 24.51 -2.21
C LYS B 77 -28.89 25.50 -1.05
N ASP B 80 -24.18 26.03 2.30
CA ASP B 80 -22.91 26.72 2.53
C ASP B 80 -22.13 26.96 1.24
N SER B 81 -22.21 28.18 0.73
CA SER B 81 -21.53 28.53 -0.51
C SER B 81 -20.66 29.77 -0.31
N THR B 82 -20.09 29.89 0.88
CA THR B 82 -19.28 31.06 1.22
C THR B 82 -18.09 31.21 0.27
N LYS B 83 -17.35 30.12 0.07
CA LYS B 83 -16.17 30.18 -0.80
C LYS B 83 -16.56 30.59 -2.21
N SER B 84 -17.69 30.09 -2.71
CA SER B 84 -18.16 30.49 -4.03
C SER B 84 -18.41 32.00 -4.04
N ALA B 85 -19.01 32.50 -2.97
CA ALA B 85 -19.31 33.92 -2.86
C ALA B 85 -18.03 34.77 -2.90
N LEU B 86 -17.00 34.31 -2.20
CA LEU B 86 -15.74 35.04 -2.12
C LEU B 86 -15.00 35.05 -3.47
N ILE B 87 -15.05 33.95 -4.18
CA ILE B 87 -14.44 33.86 -5.50
C ILE B 87 -15.10 34.84 -6.46
N HIS B 88 -16.42 34.89 -6.43
CA HIS B 88 -17.17 35.81 -7.29
C HIS B 88 -16.89 37.27 -6.93
N SER B 89 -16.88 37.56 -5.64
CA SER B 89 -16.56 38.91 -5.17
C SER B 89 -15.16 39.36 -5.59
N ALA B 90 -14.18 38.45 -5.45
CA ALA B 90 -12.80 38.76 -5.82
C ALA B 90 -12.66 39.01 -7.31
N LEU B 91 -13.38 38.24 -8.12
CA LEU B 91 -13.33 38.42 -9.57
C LEU B 91 -13.93 39.75 -9.99
N LYS B 92 -14.98 40.18 -9.30
CA LYS B 92 -15.65 41.44 -9.62
C LYS B 92 -14.75 42.64 -9.32
N GLU B 93 -13.88 42.49 -8.34
CA GLU B 93 -12.96 43.56 -7.95
C GLU B 93 -11.73 43.60 -8.85
N GLY B 94 -11.53 42.53 -9.62
CA GLY B 94 -10.42 42.47 -10.55
C GLY B 94 -9.23 41.67 -10.06
N SER B 95 -9.35 41.05 -8.90
CA SER B 95 -8.29 40.22 -8.35
C SER B 95 -8.06 38.99 -9.21
N LYS B 96 -6.84 38.45 -9.16
CA LYS B 96 -6.51 37.23 -9.87
C LYS B 96 -6.91 36.03 -9.03
N VAL B 97 -7.74 35.16 -9.60
CA VAL B 97 -8.14 33.94 -8.91
C VAL B 97 -7.63 32.75 -9.70
N GLU B 98 -6.81 31.92 -9.05
CA GLU B 98 -6.22 30.77 -9.71
C GLU B 98 -6.48 29.50 -8.92
N PHE B 99 -6.59 28.39 -9.64
CA PHE B 99 -6.59 27.07 -9.04
C PHE B 99 -5.28 26.37 -9.40
N TYR B 100 -4.57 25.88 -8.38
CA TYR B 100 -3.40 25.05 -8.57
C TYR B 100 -3.76 23.63 -8.15
N ALA B 101 -3.12 22.64 -8.76
CA ALA B 101 -3.43 21.24 -8.44
C ALA B 101 -2.18 20.42 -8.18
N ARG B 102 -2.23 19.60 -7.14
CA ARG B 102 -1.17 18.64 -6.83
C ARG B 102 -1.72 17.23 -6.99
N GLN B 103 -1.06 16.44 -7.83
CA GLN B 103 -1.57 15.12 -8.22
C GLN B 103 -1.42 14.09 -7.12
N CYS B 104 -2.53 13.45 -6.77
CA CYS B 104 -2.51 12.39 -5.78
C CYS B 104 -2.92 11.05 -6.41
N PHE B 105 -3.09 10.03 -5.59
CA PHE B 105 -3.25 8.67 -6.11
C PHE B 105 -4.23 7.81 -5.31
N ASN B 106 -4.63 6.69 -5.89
CA ASN B 106 -5.44 5.72 -5.18
C ASN B 106 -4.63 4.47 -4.88
N LEU B 107 -4.71 4.00 -3.64
CA LEU B 107 -4.04 2.78 -3.23
C LEU B 107 -5.08 1.80 -2.74
N SER B 108 -4.97 0.55 -3.18
CA SER B 108 -5.93 -0.46 -2.75
C SER B 108 -5.24 -1.76 -2.37
N THR B 110 -6.43 -5.85 -1.78
CA THR B 110 -7.49 -6.83 -1.83
C THR B 110 -7.04 -8.12 -1.17
N ASN B 111 -7.67 -8.46 -0.06
CA ASN B 111 -7.43 -9.74 0.59
C ASN B 111 -8.75 -10.50 0.71
N GLU B 112 -8.81 -11.47 1.62
CA GLU B 112 -10.01 -12.29 1.74
C GLU B 112 -11.23 -11.51 2.24
N LEU B 113 -11.01 -10.28 2.69
CA LEU B 113 -12.10 -9.44 3.18
C LEU B 113 -12.73 -8.65 2.05
N GLY B 114 -12.08 -8.63 0.90
CA GLY B 114 -12.51 -7.78 -0.21
C GLY B 114 -11.47 -6.73 -0.49
N THR B 115 -11.91 -5.58 -1.00
CA THR B 115 -10.98 -4.51 -1.37
C THR B 115 -11.08 -3.30 -0.43
N THR B 117 -9.71 0.54 -0.07
CA THR B 117 -9.08 1.57 -0.87
C THR B 117 -8.78 2.81 -0.04
N ILE B 118 -7.68 3.48 -0.37
CA ILE B 118 -7.33 4.74 0.27
C ILE B 118 -7.02 5.78 -0.80
N ALA B 119 -7.76 6.89 -0.77
CA ALA B 119 -7.44 8.03 -1.61
C ALA B 119 -6.46 8.89 -0.85
N THR B 120 -5.27 9.07 -1.41
CA THR B 120 -4.22 9.81 -0.68
C THR B 120 -4.57 11.29 -0.51
N ILE B 121 -5.52 11.80 -1.29
CA ILE B 121 -5.98 13.17 -1.06
C ILE B 121 -6.53 13.29 0.37
N ASP B 122 -7.12 12.20 0.86
CA ASP B 122 -7.71 12.17 2.20
C ASP B 122 -6.62 12.34 3.26
N LEU B 123 -5.41 11.88 2.96
CA LEU B 123 -4.30 11.96 3.90
C LEU B 123 -3.61 13.32 3.83
N GLU B 124 -3.46 13.85 2.61
CA GLU B 124 -2.67 15.06 2.41
C GLU B 124 -3.40 16.32 2.82
N ALA B 125 -4.70 16.39 2.55
CA ALA B 125 -5.48 17.58 2.86
C ALA B 125 -5.24 18.10 4.27
N PRO B 126 -5.39 17.22 5.29
CA PRO B 126 -5.21 17.66 6.67
C PRO B 126 -3.79 18.13 6.97
N LEU B 127 -2.80 17.46 6.38
CA LEU B 127 -1.41 17.86 6.59
C LEU B 127 -1.13 19.22 5.99
N PHE B 128 -1.63 19.45 4.77
CA PHE B 128 -1.44 20.73 4.11
C PHE B 128 -2.12 21.87 4.87
N ILE B 129 -3.32 21.60 5.38
CA ILE B 129 -4.09 22.61 6.09
C ILE B 129 -3.40 23.00 7.39
N LYS B 130 -2.87 22.01 8.09
CA LYS B 130 -2.12 22.29 9.32
C LYS B 130 -0.84 23.04 8.97
N LEU B 131 -0.22 22.66 7.86
CA LEU B 131 1.05 23.24 7.44
C LEU B 131 0.93 24.72 7.07
N PHE B 132 -0.07 25.06 6.27
CA PHE B 132 -0.19 26.42 5.75
C PHE B 132 -1.16 27.31 6.52
N ASN B 133 -2.10 26.69 7.22
CA ASN B 133 -3.17 27.42 7.91
C ASN B 133 -3.84 28.46 7.01
N PRO B 134 -4.38 28.02 5.86
CA PRO B 134 -5.01 28.94 4.90
C PRO B 134 -6.22 29.65 5.52
N PRO B 135 -6.43 30.93 5.16
CA PRO B 135 -7.48 31.78 5.72
C PRO B 135 -8.87 31.16 5.58
N TRP B 136 -9.14 30.53 4.44
CA TRP B 136 -10.47 29.99 4.17
C TRP B 136 -10.70 28.63 4.81
N ASN B 137 -9.64 28.01 5.31
CA ASN B 137 -9.76 26.72 5.98
C ASN B 137 -10.05 26.85 7.48
N ILE B 138 -11.28 26.55 7.85
CA ILE B 138 -11.70 26.71 9.24
C ILE B 138 -12.33 25.43 9.78
N HIS C 5 8.14 14.92 -31.77
CA HIS C 5 8.79 15.62 -30.66
C HIS C 5 7.75 16.25 -29.75
N HIS C 6 7.62 15.72 -28.54
CA HIS C 6 6.65 16.23 -27.59
C HIS C 6 7.05 17.59 -27.03
N HIS C 7 6.09 18.51 -26.95
CA HIS C 7 6.35 19.82 -26.38
C HIS C 7 6.29 19.72 -24.86
N LYS C 9 5.67 21.75 -22.49
CA LYS C 9 4.57 22.42 -21.80
C LYS C 9 3.30 21.57 -21.76
N GLU C 10 3.05 20.82 -22.82
CA GLU C 10 1.90 19.92 -22.87
C GLU C 10 2.07 18.83 -21.82
N ILE C 11 3.18 18.11 -21.90
CA ILE C 11 3.51 17.07 -20.94
C ILE C 11 3.43 17.58 -19.51
N ALA C 12 4.00 18.75 -19.28
CA ALA C 12 4.08 19.31 -17.93
C ALA C 12 2.72 19.36 -17.25
N THR C 13 1.73 19.90 -17.95
CA THR C 13 0.40 20.05 -17.36
C THR C 13 -0.34 18.71 -17.27
N GLU C 14 -0.30 17.93 -18.34
CA GLU C 14 -0.98 16.64 -18.36
C GLU C 14 -0.50 15.67 -17.29
N TYR C 15 0.81 15.65 -17.08
CA TYR C 15 1.39 14.65 -16.18
C TYR C 15 2.13 15.27 -15.01
N SER C 16 1.80 16.51 -14.70
CA SER C 16 2.30 17.17 -13.50
C SER C 16 3.81 17.10 -13.35
N PHE C 17 4.52 17.46 -14.42
CA PHE C 17 5.95 17.72 -14.32
C PHE C 17 6.10 19.21 -14.08
N ILE C 18 6.78 19.58 -12.99
CA ILE C 18 7.01 20.99 -12.68
C ILE C 18 8.42 21.40 -13.09
N LYS C 19 8.54 22.56 -13.72
CA LYS C 19 9.85 23.09 -14.08
C LYS C 19 10.71 23.17 -12.82
N TYR C 20 11.87 22.51 -12.87
CA TYR C 20 12.74 22.45 -11.71
C TYR C 20 13.85 23.50 -11.77
N THR C 21 14.58 23.52 -12.88
CA THR C 21 15.64 24.50 -13.07
C THR C 21 16.03 24.62 -14.53
N GLU C 22 16.61 25.75 -14.88
CA GLU C 22 17.18 25.95 -16.19
C GLU C 22 18.69 26.11 -16.03
N LEU C 23 19.46 25.25 -16.69
CA LEU C 23 20.91 25.31 -16.59
C LEU C 23 21.45 26.55 -17.29
N GLU C 24 22.54 27.11 -16.76
CA GLU C 24 23.17 28.28 -17.35
C GLU C 24 24.68 28.12 -17.37
N LEU C 25 25.33 28.73 -18.36
CA LEU C 25 26.78 28.73 -18.44
C LEU C 25 27.35 29.99 -17.79
N ASP C 26 28.44 29.81 -17.04
CA ASP C 26 29.18 30.97 -16.54
C ASP C 26 30.14 31.44 -17.63
N ASP C 27 30.82 32.54 -17.39
CA ASP C 27 31.68 33.14 -18.41
C ASP C 27 32.87 32.25 -18.77
N ASN C 28 33.19 31.30 -17.91
CA ASN C 28 34.26 30.36 -18.19
C ASN C 28 33.74 29.13 -18.93
N GLY C 29 32.49 29.21 -19.37
CA GLY C 29 31.88 28.14 -20.14
C GLY C 29 31.57 26.90 -19.32
N SER C 30 31.46 27.07 -18.00
CA SER C 30 31.11 25.97 -17.13
C SER C 30 29.67 26.14 -16.64
N ILE C 31 28.98 25.03 -16.41
CA ILE C 31 27.59 25.10 -15.98
C ILE C 31 27.49 25.56 -14.53
N LYS C 32 26.80 26.69 -14.33
CA LYS C 32 26.64 27.27 -13.00
C LYS C 32 26.12 26.23 -12.01
N GLN C 33 26.42 26.44 -10.73
CA GLN C 33 25.94 25.55 -9.69
C GLN C 33 24.45 25.73 -9.43
N LEU C 34 23.82 24.67 -8.94
CA LEU C 34 22.40 24.69 -8.59
C LEU C 34 22.18 25.51 -7.32
N SER C 35 21.06 26.23 -7.28
CA SER C 35 20.79 27.13 -6.17
C SER C 35 19.43 26.84 -5.53
N ILE C 36 18.68 25.92 -6.12
CA ILE C 36 17.33 25.62 -5.66
C ILE C 36 17.27 24.46 -4.66
N PRO C 37 16.21 24.41 -3.84
CA PRO C 37 16.02 23.31 -2.89
C PRO C 37 15.95 21.97 -3.62
N ASN C 38 16.45 20.92 -2.99
CA ASN C 38 16.49 19.60 -3.62
C ASN C 38 15.11 18.95 -3.68
N LYS C 39 14.98 17.95 -4.54
CA LYS C 39 13.80 17.11 -4.57
C LYS C 39 14.24 15.65 -4.63
N TYR C 40 13.42 14.78 -4.07
CA TYR C 40 13.79 13.37 -3.93
C TYR C 40 12.70 12.49 -4.53
N ASN C 41 13.11 11.36 -5.08
CA ASN C 41 12.17 10.37 -5.60
C ASN C 41 11.31 10.95 -6.72
N VAL C 42 11.96 11.35 -7.81
CA VAL C 42 11.24 11.97 -8.91
C VAL C 42 11.50 11.26 -10.24
N ILE C 43 10.56 11.44 -11.16
CA ILE C 43 10.82 11.22 -12.57
C ILE C 43 11.23 12.56 -13.13
N TYR C 44 12.36 12.63 -13.82
CA TYR C 44 12.75 13.91 -14.40
C TYR C 44 12.67 13.90 -15.91
N ALA C 45 12.43 15.08 -16.47
CA ALA C 45 12.41 15.24 -17.92
C ALA C 45 13.44 16.27 -18.31
N ILE C 46 14.23 15.98 -19.34
CA ILE C 46 15.17 16.96 -19.86
C ILE C 46 14.54 17.59 -21.11
N ALA C 47 14.46 18.92 -21.10
CA ALA C 47 13.89 19.64 -22.23
C ALA C 47 14.95 20.54 -22.86
N ILE C 48 15.01 20.51 -24.19
CA ILE C 48 15.89 21.39 -24.91
C ILE C 48 15.06 22.23 -25.87
N ASN C 49 15.05 23.55 -25.66
CA ASN C 49 14.18 24.44 -26.42
C ASN C 49 12.73 23.98 -26.37
N ASP C 50 12.27 23.63 -25.16
CA ASP C 50 10.88 23.24 -24.93
C ASP C 50 10.51 21.90 -25.52
N GLU C 51 11.50 21.15 -25.99
CA GLU C 51 11.27 19.81 -26.53
C GLU C 51 11.75 18.73 -25.57
N LEU C 52 10.88 17.77 -25.25
CA LEU C 52 11.26 16.64 -24.42
C LEU C 52 12.32 15.78 -25.12
N VAL C 53 13.49 15.62 -24.51
CA VAL C 53 14.51 14.77 -25.11
C VAL C 53 14.83 13.51 -24.30
N TYR C 54 14.51 13.53 -23.00
CA TYR C 54 14.87 12.42 -22.12
C TYR C 54 13.98 12.28 -20.89
N ILE C 55 13.67 11.03 -20.54
CA ILE C 55 12.97 10.72 -19.30
C ILE C 55 13.84 9.82 -18.43
N GLY C 56 14.07 10.25 -17.19
CA GLY C 56 14.89 9.48 -16.27
C GLY C 56 14.25 9.42 -14.91
N LYS C 57 14.88 8.70 -13.98
CA LYS C 57 14.39 8.61 -12.61
C LYS C 57 15.56 8.77 -11.67
N THR C 58 15.30 9.33 -10.49
CA THR C 58 16.36 9.52 -9.50
C THR C 58 15.81 9.74 -8.09
N LYS C 59 16.58 9.29 -7.11
CA LYS C 59 16.21 9.46 -5.71
C LYS C 59 16.63 10.83 -5.21
N ASN C 60 17.53 11.47 -5.95
CA ASN C 60 18.10 12.74 -5.52
C ASN C 60 18.39 13.62 -6.72
N LEU C 61 17.56 14.62 -6.96
CA LEU C 61 17.62 15.36 -8.22
C LEU C 61 18.87 16.23 -8.39
N ARG C 62 19.23 16.98 -7.35
CA ARG C 62 20.43 17.79 -7.42
C ARG C 62 21.66 16.91 -7.68
N LYS C 63 21.69 15.72 -7.10
CA LYS C 63 22.81 14.81 -7.32
C LYS C 63 22.90 14.41 -8.79
N ARG C 64 21.77 14.00 -9.36
N ARG C 64 21.77 14.00 -9.36
CA ARG C 64 21.72 13.59 -10.75
CA ARG C 64 21.71 13.60 -10.76
C ARG C 64 22.09 14.74 -11.69
C ARG C 64 22.12 14.75 -11.67
N ILE C 65 21.54 15.91 -11.46
CA ILE C 65 21.85 17.08 -12.27
C ILE C 65 23.32 17.47 -12.12
N ASN C 66 23.85 17.33 -10.91
CA ASN C 66 25.27 17.59 -10.68
C ASN C 66 26.13 16.62 -11.46
N TYR C 67 25.70 15.37 -11.56
CA TYR C 67 26.38 14.40 -12.40
C TYR C 67 26.44 14.88 -13.85
N TYR C 68 25.32 15.33 -14.39
CA TYR C 68 25.31 15.83 -15.77
C TYR C 68 26.22 17.04 -15.93
N ARG C 69 26.33 17.84 -14.87
CA ARG C 69 27.13 19.06 -14.91
C ARG C 69 28.62 18.77 -14.94
N THR C 70 29.03 17.61 -14.42
CA THR C 70 30.45 17.34 -14.23
C THR C 70 30.96 16.10 -14.95
N ALA C 71 30.04 15.28 -15.48
CA ALA C 71 30.39 13.98 -16.02
C ALA C 71 31.49 14.02 -17.09
N ILE C 72 31.35 14.92 -18.07
CA ILE C 72 32.33 14.98 -19.15
C ILE C 72 33.71 15.41 -18.70
N ASN C 73 33.79 16.02 -17.52
CA ASN C 73 35.06 16.51 -16.99
C ASN C 73 35.92 15.43 -16.33
N ARG C 74 35.32 14.25 -16.12
CA ARG C 74 36.03 13.15 -15.50
C ARG C 74 36.35 12.06 -16.53
N ASP C 80 30.16 6.08 -19.54
CA ASP C 80 29.35 6.71 -20.58
C ASP C 80 28.78 8.05 -20.10
N SER C 81 29.23 9.13 -20.73
CA SER C 81 28.78 10.47 -20.36
C SER C 81 28.18 11.21 -21.57
N THR C 82 27.48 10.46 -22.41
CA THR C 82 26.91 11.00 -23.64
C THR C 82 25.91 12.13 -23.37
N LYS C 83 24.93 11.87 -22.51
CA LYS C 83 23.93 12.88 -22.20
C LYS C 83 24.54 14.15 -21.61
N SER C 84 25.53 13.98 -20.74
CA SER C 84 26.23 15.12 -20.17
C SER C 84 26.85 15.96 -21.27
N ALA C 85 27.54 15.29 -22.20
CA ALA C 85 28.17 15.97 -23.32
C ALA C 85 27.14 16.68 -24.20
N LEU C 86 26.02 16.01 -24.44
CA LEU C 86 24.94 16.59 -25.25
C LEU C 86 24.37 17.84 -24.59
N ILE C 87 24.31 17.83 -23.26
CA ILE C 87 23.78 18.96 -22.51
C ILE C 87 24.73 20.17 -22.61
N HIS C 88 26.02 19.89 -22.51
CA HIS C 88 27.04 20.94 -22.64
C HIS C 88 27.04 21.60 -24.01
N SER C 89 26.98 20.79 -25.07
CA SER C 89 27.01 21.33 -26.42
C SER C 89 25.75 22.17 -26.69
N ALA C 90 24.62 21.72 -26.18
CA ALA C 90 23.37 22.46 -26.35
C ALA C 90 23.46 23.82 -25.68
N LEU C 91 24.01 23.85 -24.46
CA LEU C 91 24.15 25.10 -23.74
C LEU C 91 25.10 26.06 -24.46
N LYS C 92 26.18 25.50 -25.01
CA LYS C 92 27.15 26.31 -25.75
C LYS C 92 26.56 26.82 -27.07
N GLU C 93 25.58 26.09 -27.60
CA GLU C 93 24.92 26.49 -28.83
C GLU C 93 23.88 27.58 -28.56
N GLY C 94 23.68 27.91 -27.29
CA GLY C 94 22.74 28.93 -26.90
C GLY C 94 21.32 28.41 -26.77
N SER C 95 21.18 27.09 -26.67
CA SER C 95 19.87 26.47 -26.52
C SER C 95 19.44 26.47 -25.06
N LYS C 96 18.12 26.53 -24.85
CA LYS C 96 17.57 26.43 -23.52
C LYS C 96 17.58 24.97 -23.07
N VAL C 97 18.14 24.72 -21.90
CA VAL C 97 18.15 23.38 -21.32
C VAL C 97 17.49 23.42 -19.94
N GLU C 98 16.39 22.69 -19.79
CA GLU C 98 15.66 22.68 -18.54
C GLU C 98 15.46 21.27 -18.00
N PHE C 99 15.32 21.19 -16.69
CA PHE C 99 14.89 19.95 -16.06
C PHE C 99 13.51 20.16 -15.47
N TYR C 100 12.62 19.21 -15.72
CA TYR C 100 11.30 19.18 -15.12
C TYR C 100 11.23 17.96 -14.21
N ALA C 101 10.41 18.02 -13.17
CA ALA C 101 10.31 16.88 -12.26
C ALA C 101 8.87 16.54 -11.90
N ARG C 102 8.57 15.24 -11.93
CA ARG C 102 7.30 14.71 -11.44
C ARG C 102 7.55 14.06 -10.10
N GLN C 103 6.81 14.50 -9.09
CA GLN C 103 7.02 14.03 -7.72
C GLN C 103 6.42 12.65 -7.50
N CYS C 104 7.25 11.70 -7.11
CA CYS C 104 6.81 10.35 -6.79
C CYS C 104 6.98 10.07 -5.31
N PHE C 105 6.81 8.82 -4.91
CA PHE C 105 6.89 8.48 -3.49
C PHE C 105 7.30 7.04 -3.22
N ASN C 106 7.48 6.74 -1.94
CA ASN C 106 7.80 5.39 -1.49
C ASN C 106 6.63 4.79 -0.73
N LEU C 107 6.35 3.52 -0.99
CA LEU C 107 5.37 2.77 -0.22
C LEU C 107 6.11 1.66 0.53
N SER C 108 5.73 1.43 1.77
CA SER C 108 6.34 0.35 2.53
C SER C 108 5.29 -0.54 3.18
N THR C 110 5.31 -3.49 6.35
CA THR C 110 6.07 -4.17 7.37
C THR C 110 5.24 -5.28 8.00
N ASN C 111 5.71 -6.51 7.85
CA ASN C 111 5.08 -7.64 8.53
C ASN C 111 6.13 -8.52 9.20
N GLU C 112 5.80 -9.80 9.38
CA GLU C 112 6.70 -10.72 10.06
C GLU C 112 8.07 -10.83 9.39
N LEU C 113 8.12 -10.56 8.09
CA LEU C 113 9.36 -10.67 7.34
C LEU C 113 10.23 -9.42 7.44
N GLY C 114 9.67 -8.38 8.05
CA GLY C 114 10.35 -7.10 8.09
C GLY C 114 9.71 -6.14 7.10
N THR C 115 10.52 -5.26 6.52
CA THR C 115 9.99 -4.18 5.68
C THR C 115 10.28 -4.35 4.20
N THR C 117 9.77 -2.43 0.55
CA THR C 117 9.48 -1.09 0.03
C THR C 117 9.40 -1.04 -1.49
N ILE C 118 8.46 -0.25 -1.99
CA ILE C 118 8.32 -0.03 -3.41
C ILE C 118 8.48 1.47 -3.70
N ALA C 119 9.40 1.81 -4.60
CA ALA C 119 9.57 3.18 -5.04
C ALA C 119 8.81 3.39 -6.34
N THR C 120 7.86 4.33 -6.35
CA THR C 120 6.99 4.48 -7.51
C THR C 120 7.73 4.97 -8.75
N ILE C 121 8.88 5.62 -8.56
CA ILE C 121 9.69 6.02 -9.72
C ILE C 121 10.04 4.78 -10.53
N ASP C 122 10.21 3.65 -9.84
CA ASP C 122 10.55 2.40 -10.51
C ASP C 122 9.38 1.85 -11.32
N LEU C 123 8.16 2.16 -10.89
CA LEU C 123 6.97 1.75 -11.62
C LEU C 123 6.71 2.69 -12.80
N GLU C 124 6.81 3.99 -12.55
CA GLU C 124 6.33 4.99 -13.49
C GLU C 124 7.32 5.34 -14.61
N ALA C 125 8.61 5.18 -14.35
CA ALA C 125 9.62 5.55 -15.34
C ALA C 125 9.44 4.80 -16.66
N PRO C 126 9.32 3.46 -16.61
CA PRO C 126 9.21 2.66 -17.84
C PRO C 126 7.98 3.04 -18.65
N LEU C 127 6.90 3.37 -17.95
CA LEU C 127 5.66 3.74 -18.62
C LEU C 127 5.76 5.07 -19.37
N PHE C 128 6.41 6.05 -18.75
CA PHE C 128 6.63 7.34 -19.39
C PHE C 128 7.57 7.22 -20.59
N ILE C 129 8.60 6.40 -20.44
CA ILE C 129 9.56 6.19 -21.52
C ILE C 129 8.86 5.53 -22.72
N LYS C 130 7.97 4.59 -22.45
CA LYS C 130 7.23 3.93 -23.51
C LYS C 130 6.21 4.90 -24.12
N LEU C 131 5.59 5.71 -23.26
CA LEU C 131 4.56 6.65 -23.69
C LEU C 131 5.11 7.74 -24.60
N PHE C 132 6.24 8.33 -24.20
CA PHE C 132 6.79 9.47 -24.91
C PHE C 132 7.84 9.07 -25.94
N ASN C 133 8.51 7.95 -25.69
CA ASN C 133 9.60 7.51 -26.55
C ASN C 133 10.58 8.64 -26.87
N PRO C 134 11.16 9.25 -25.84
CA PRO C 134 12.09 10.38 -26.02
C PRO C 134 13.35 9.97 -26.75
N PRO C 135 13.92 10.87 -27.57
CA PRO C 135 15.07 10.61 -28.44
C PRO C 135 16.29 10.08 -27.69
N TRP C 136 16.55 10.58 -26.48
CA TRP C 136 17.73 10.18 -25.73
C TRP C 136 17.56 8.84 -25.02
N ASN C 137 16.32 8.36 -24.95
CA ASN C 137 16.07 7.05 -24.35
C ASN C 137 16.26 5.90 -25.34
N ILE C 138 17.51 5.50 -25.52
CA ILE C 138 17.83 4.37 -26.40
C ILE C 138 17.89 3.07 -25.61
N HIS D 6 14.84 -25.82 10.96
CA HIS D 6 13.74 -25.99 10.01
C HIS D 6 12.56 -26.76 10.60
N HIS D 7 12.20 -26.50 11.85
CA HIS D 7 11.04 -27.20 12.40
C HIS D 7 9.73 -26.52 12.01
N LYS D 9 6.50 -26.85 12.71
CA LYS D 9 5.48 -26.46 13.67
C LYS D 9 5.69 -25.04 14.21
N GLU D 10 6.92 -24.73 14.60
CA GLU D 10 7.25 -23.42 15.11
C GLU D 10 7.11 -22.36 14.03
N ILE D 11 7.72 -22.62 12.89
CA ILE D 11 7.63 -21.73 11.74
C ILE D 11 6.18 -21.46 11.38
N ALA D 12 5.37 -22.52 11.34
CA ALA D 12 3.96 -22.39 10.99
C ALA D 12 3.26 -21.38 11.88
N THR D 13 3.50 -21.49 13.19
CA THR D 13 2.85 -20.62 14.15
C THR D 13 3.26 -19.16 14.01
N GLU D 14 4.56 -18.91 13.90
CA GLU D 14 5.06 -17.54 13.91
C GLU D 14 4.95 -16.83 12.56
N TYR D 15 4.67 -17.57 11.51
CA TYR D 15 4.52 -16.97 10.18
C TYR D 15 3.17 -17.29 9.56
N SER D 16 2.27 -17.81 10.38
CA SER D 16 0.89 -18.06 9.97
C SER D 16 0.78 -18.99 8.76
N PHE D 17 1.62 -20.02 8.74
CA PHE D 17 1.43 -21.10 7.79
C PHE D 17 0.39 -22.03 8.37
N ILE D 18 -0.57 -22.41 7.54
CA ILE D 18 -1.62 -23.34 7.97
C ILE D 18 -1.51 -24.63 7.17
N LYS D 19 -1.44 -25.76 7.87
CA LYS D 19 -1.31 -27.04 7.20
C LYS D 19 -2.43 -27.21 6.19
N TYR D 20 -2.06 -27.50 4.94
CA TYR D 20 -3.03 -27.59 3.87
C TYR D 20 -3.42 -29.03 3.55
N THR D 21 -2.42 -29.89 3.41
CA THR D 21 -2.70 -31.29 3.15
C THR D 21 -1.48 -32.15 3.43
N GLU D 22 -1.73 -33.45 3.65
CA GLU D 22 -0.67 -34.44 3.69
C GLU D 22 -0.78 -35.26 2.43
N LEU D 23 0.36 -35.59 1.83
CA LEU D 23 0.36 -36.39 0.62
C LEU D 23 0.49 -37.88 0.98
N GLU D 24 0.06 -38.74 0.08
CA GLU D 24 0.25 -40.18 0.28
C GLU D 24 0.03 -40.96 -1.02
N LEU D 25 0.63 -42.13 -1.09
CA LEU D 25 0.59 -42.94 -2.30
C LEU D 25 -0.65 -43.84 -2.36
N ASP D 26 -1.21 -43.98 -3.56
CA ASP D 26 -2.24 -44.98 -3.80
C ASP D 26 -1.55 -46.29 -4.15
N ASP D 27 -2.35 -47.33 -4.38
CA ASP D 27 -1.81 -48.67 -4.61
C ASP D 27 -0.95 -48.76 -5.86
N ASN D 28 -1.10 -47.80 -6.77
CA ASN D 28 -0.34 -47.80 -8.01
C ASN D 28 0.98 -47.04 -7.90
N GLY D 29 1.23 -46.45 -6.73
CA GLY D 29 2.47 -45.73 -6.51
C GLY D 29 2.40 -44.29 -6.98
N SER D 30 1.19 -43.77 -7.08
CA SER D 30 0.99 -42.35 -7.38
C SER D 30 0.31 -41.66 -6.21
N ILE D 31 0.41 -40.34 -6.15
CA ILE D 31 -0.14 -39.59 -5.04
C ILE D 31 -1.66 -39.47 -5.18
N LYS D 32 -2.38 -39.69 -4.08
CA LYS D 32 -3.82 -39.58 -4.08
C LYS D 32 -4.26 -38.15 -4.41
N GLN D 33 -5.36 -38.01 -5.14
CA GLN D 33 -5.94 -36.69 -5.36
C GLN D 33 -6.51 -36.17 -4.05
N LEU D 34 -6.70 -34.85 -3.97
CA LEU D 34 -7.27 -34.24 -2.77
C LEU D 34 -8.71 -33.82 -3.03
N SER D 35 -9.49 -33.68 -1.97
CA SER D 35 -10.82 -33.08 -2.07
C SER D 35 -10.90 -31.90 -1.11
N ILE D 36 -10.05 -30.90 -1.35
CA ILE D 36 -9.92 -29.79 -0.44
C ILE D 36 -10.25 -28.48 -1.14
N PRO D 37 -10.91 -27.56 -0.44
CA PRO D 37 -11.08 -26.19 -0.94
C PRO D 37 -9.73 -25.66 -1.43
N ASN D 38 -9.73 -25.02 -2.59
CA ASN D 38 -8.52 -24.47 -3.15
C ASN D 38 -8.03 -23.25 -2.37
N LYS D 39 -6.77 -22.88 -2.56
CA LYS D 39 -6.25 -21.61 -2.06
C LYS D 39 -5.47 -20.92 -3.16
N TYR D 40 -5.47 -19.58 -3.14
CA TYR D 40 -4.87 -18.81 -4.20
C TYR D 40 -3.93 -17.76 -3.64
N ASN D 41 -2.93 -17.39 -4.44
N ASN D 41 -2.91 -17.41 -4.41
CA ASN D 41 -1.91 -16.42 -4.05
CA ASN D 41 -1.96 -16.38 -4.00
C ASN D 41 -1.36 -16.70 -2.65
C ASN D 41 -1.33 -16.68 -2.64
N VAL D 42 -0.60 -17.78 -2.54
CA VAL D 42 -0.01 -18.18 -1.27
C VAL D 42 1.48 -18.47 -1.40
N ILE D 43 2.19 -18.30 -0.30
CA ILE D 43 3.52 -18.88 -0.15
C ILE D 43 3.26 -20.27 0.41
N TYR D 44 3.86 -21.29 -0.19
CA TYR D 44 3.70 -22.63 0.34
C TYR D 44 5.02 -23.18 0.85
N ALA D 45 4.92 -24.04 1.86
CA ALA D 45 6.08 -24.71 2.43
C ALA D 45 5.85 -26.20 2.32
N ILE D 46 6.88 -26.91 1.87
CA ILE D 46 6.85 -28.36 1.89
C ILE D 46 7.65 -28.83 3.09
N ALA D 47 7.06 -29.74 3.86
CA ALA D 47 7.72 -30.28 5.05
C ALA D 47 7.78 -31.80 4.95
N ILE D 48 8.92 -32.36 5.34
CA ILE D 48 9.11 -33.79 5.34
C ILE D 48 9.52 -34.24 6.73
N ASN D 49 8.71 -35.12 7.33
CA ASN D 49 8.89 -35.48 8.73
C ASN D 49 9.03 -34.23 9.61
N ASP D 50 8.14 -33.26 9.39
CA ASP D 50 8.07 -32.05 10.21
C ASP D 50 9.24 -31.09 10.01
N GLU D 51 10.04 -31.33 8.97
CA GLU D 51 11.17 -30.45 8.65
C GLU D 51 10.92 -29.70 7.34
N LEU D 52 11.11 -28.38 7.37
CA LEU D 52 10.94 -27.55 6.18
C LEU D 52 12.02 -27.85 5.12
N VAL D 53 11.60 -28.22 3.92
CA VAL D 53 12.56 -28.52 2.85
C VAL D 53 12.47 -27.56 1.66
N TYR D 54 11.36 -26.84 1.53
CA TYR D 54 11.15 -26.01 0.36
C TYR D 54 10.14 -24.88 0.58
N ILE D 55 10.47 -23.70 0.07
CA ILE D 55 9.54 -22.58 0.04
C ILE D 55 9.24 -22.20 -1.40
N GLY D 56 7.95 -22.13 -1.74
CA GLY D 56 7.53 -21.76 -3.07
C GLY D 56 6.42 -20.74 -3.01
N LYS D 57 6.08 -20.18 -4.17
CA LYS D 57 4.94 -19.27 -4.30
C LYS D 57 4.06 -19.75 -5.44
N THR D 58 2.76 -19.53 -5.32
CA THR D 58 1.84 -19.91 -6.39
C THR D 58 0.55 -19.10 -6.38
N LYS D 59 -0.04 -18.96 -7.56
CA LYS D 59 -1.32 -18.29 -7.69
C LYS D 59 -2.45 -19.28 -7.42
N ASN D 60 -2.17 -20.56 -7.58
CA ASN D 60 -3.18 -21.59 -7.44
C ASN D 60 -2.58 -22.83 -6.79
N LEU D 61 -2.83 -23.00 -5.50
CA LEU D 61 -2.18 -24.07 -4.73
C LEU D 61 -2.63 -25.47 -5.16
N ARG D 62 -3.91 -25.64 -5.44
CA ARG D 62 -4.40 -26.93 -5.88
C ARG D 62 -3.69 -27.35 -7.17
N LYS D 63 -3.53 -26.39 -8.07
CA LYS D 63 -2.87 -26.65 -9.35
C LYS D 63 -1.39 -26.98 -9.17
N ARG D 64 -0.73 -26.24 -8.29
N ARG D 64 -0.72 -26.26 -8.29
CA ARG D 64 0.68 -26.45 -8.02
CA ARG D 64 0.72 -26.51 -8.08
C ARG D 64 0.93 -27.84 -7.43
C ARG D 64 0.97 -27.85 -7.40
N ILE D 65 0.07 -28.25 -6.51
CA ILE D 65 0.21 -29.55 -5.85
C ILE D 65 -0.06 -30.67 -6.85
N ASN D 66 -1.03 -30.48 -7.73
CA ASN D 66 -1.27 -31.43 -8.81
C ASN D 66 -0.08 -31.49 -9.75
N TYR D 67 0.65 -30.38 -9.88
CA TYR D 67 1.87 -30.38 -10.65
C TYR D 67 2.91 -31.30 -10.03
N TYR D 68 3.08 -31.23 -8.71
CA TYR D 68 3.99 -32.12 -8.02
C TYR D 68 3.52 -33.57 -8.11
N ARG D 69 2.21 -33.76 -8.09
CA ARG D 69 1.63 -35.08 -8.24
C ARG D 69 2.04 -35.74 -9.56
N THR D 70 1.95 -35.00 -10.64
CA THR D 70 2.06 -35.58 -11.97
C THR D 70 3.37 -35.33 -12.70
N ALA D 71 4.19 -34.41 -12.18
CA ALA D 71 5.43 -34.05 -12.85
C ALA D 71 6.38 -35.24 -12.97
N ILE D 72 6.22 -36.20 -12.05
CA ILE D 72 7.06 -37.40 -12.04
C ILE D 72 6.92 -38.18 -13.33
N ASN D 73 5.75 -38.09 -13.95
CA ASN D 73 5.48 -38.84 -15.17
C ASN D 73 6.08 -38.16 -16.40
N ARG D 74 6.48 -36.91 -16.22
CA ARG D 74 7.22 -36.17 -17.24
C ARG D 74 6.53 -36.11 -18.59
N LYS D 75 5.23 -35.82 -18.60
CA LYS D 75 4.54 -35.57 -19.85
C LYS D 75 5.24 -34.42 -20.57
N ASP D 76 5.66 -33.42 -19.79
CA ASP D 76 6.49 -32.34 -20.29
C ASP D 76 7.94 -32.59 -19.87
N LYS D 77 8.75 -33.01 -20.84
CA LYS D 77 10.15 -33.33 -20.58
C LYS D 77 10.98 -32.12 -20.14
N THR D 78 10.46 -30.93 -20.39
CA THR D 78 11.22 -29.71 -20.09
C THR D 78 10.83 -29.09 -18.76
N SER D 79 9.76 -29.61 -18.15
CA SER D 79 9.35 -29.15 -16.84
C SER D 79 10.25 -29.72 -15.75
N ASP D 80 10.49 -28.95 -14.69
CA ASP D 80 11.33 -29.41 -13.59
C ASP D 80 10.62 -30.49 -12.77
N SER D 81 11.15 -31.71 -12.82
CA SER D 81 10.54 -32.83 -12.11
C SER D 81 11.33 -33.25 -10.88
N THR D 82 12.42 -32.53 -10.60
CA THR D 82 13.31 -32.90 -9.49
C THR D 82 12.64 -32.87 -8.12
N LYS D 83 11.82 -31.84 -7.87
CA LYS D 83 11.14 -31.74 -6.57
C LYS D 83 10.04 -32.80 -6.44
N SER D 84 9.33 -33.04 -7.53
CA SER D 84 8.35 -34.11 -7.58
C SER D 84 9.02 -35.46 -7.29
N ALA D 85 10.20 -35.66 -7.85
CA ALA D 85 10.95 -36.89 -7.65
C ALA D 85 11.35 -37.08 -6.20
N LEU D 86 11.79 -35.99 -5.58
CA LEU D 86 12.17 -36.03 -4.17
C LEU D 86 10.96 -36.30 -3.27
N ILE D 87 9.80 -35.77 -3.66
CA ILE D 87 8.58 -36.00 -2.90
C ILE D 87 8.16 -37.46 -2.96
N HIS D 88 8.27 -38.06 -4.14
CA HIS D 88 7.91 -39.47 -4.31
C HIS D 88 8.88 -40.38 -3.59
N SER D 89 10.17 -40.03 -3.60
CA SER D 89 11.16 -40.77 -2.83
C SER D 89 10.86 -40.73 -1.34
N ALA D 90 10.48 -39.55 -0.83
CA ALA D 90 10.15 -39.41 0.57
C ALA D 90 8.98 -40.33 0.92
N LEU D 91 7.94 -40.31 0.09
CA LEU D 91 6.75 -41.12 0.36
C LEU D 91 7.09 -42.60 0.28
N LYS D 92 7.92 -42.95 -0.71
CA LYS D 92 8.34 -44.32 -0.90
C LYS D 92 9.08 -44.83 0.34
N GLU D 93 9.83 -43.95 0.99
CA GLU D 93 10.62 -44.33 2.16
C GLU D 93 9.77 -44.30 3.44
N GLY D 94 8.49 -43.98 3.29
CA GLY D 94 7.57 -43.97 4.43
C GLY D 94 7.54 -42.67 5.21
N SER D 95 8.14 -41.62 4.66
CA SER D 95 8.19 -40.34 5.35
C SER D 95 6.89 -39.55 5.20
N LYS D 96 6.63 -38.65 6.13
CA LYS D 96 5.45 -37.81 6.05
C LYS D 96 5.73 -36.57 5.21
N VAL D 97 4.86 -36.29 4.25
CA VAL D 97 5.03 -35.14 3.38
C VAL D 97 3.82 -34.22 3.50
N GLU D 98 4.06 -32.99 3.93
CA GLU D 98 2.98 -32.03 4.15
C GLU D 98 3.21 -30.75 3.38
N PHE D 99 2.12 -30.12 2.94
CA PHE D 99 2.16 -28.78 2.38
C PHE D 99 1.49 -27.80 3.35
N TYR D 100 2.18 -26.71 3.65
CA TYR D 100 1.60 -25.63 4.42
C TYR D 100 1.43 -24.42 3.52
N ALA D 101 0.44 -23.60 3.82
CA ALA D 101 0.19 -22.41 3.01
C ALA D 101 0.03 -21.16 3.87
N ARG D 102 0.69 -20.08 3.44
CA ARG D 102 0.55 -18.78 4.06
C ARG D 102 -0.15 -17.87 3.06
N GLN D 103 -1.25 -17.26 3.49
CA GLN D 103 -2.06 -16.46 2.59
C GLN D 103 -1.49 -15.07 2.35
N CYS D 104 -1.31 -14.72 1.08
CA CYS D 104 -0.87 -13.39 0.69
C CYS D 104 -2.02 -12.63 0.00
N PHE D 105 -1.73 -11.44 -0.51
CA PHE D 105 -2.78 -10.61 -1.07
C PHE D 105 -2.27 -9.78 -2.23
N ASN D 106 -3.10 -8.86 -2.70
CA ASN D 106 -2.76 -7.99 -3.82
C ASN D 106 -2.75 -6.53 -3.40
N LEU D 107 -1.79 -5.77 -3.92
CA LEU D 107 -1.70 -4.34 -3.69
C LEU D 107 -1.77 -3.64 -5.04
N SER D 108 -2.60 -2.62 -5.14
CA SER D 108 -2.70 -1.87 -6.38
C SER D 108 -2.54 -0.37 -6.13
N THR D 110 -3.27 3.39 -8.45
CA THR D 110 -3.78 3.98 -9.67
C THR D 110 -3.34 5.43 -9.81
N ASN D 111 -2.73 5.76 -10.94
CA ASN D 111 -2.36 7.13 -11.26
C ASN D 111 -3.12 7.57 -12.51
N GLU D 112 -2.71 8.68 -13.12
CA GLU D 112 -3.41 9.19 -14.30
C GLU D 112 -3.46 8.18 -15.43
N LEU D 113 -2.46 7.32 -15.49
CA LEU D 113 -2.32 6.36 -16.59
C LEU D 113 -3.23 5.15 -16.43
N GLY D 114 -3.13 4.50 -15.28
CA GLY D 114 -3.90 3.30 -15.03
C GLY D 114 -3.51 2.67 -13.71
N THR D 115 -3.47 1.34 -13.71
CA THR D 115 -3.27 0.60 -12.47
C THR D 115 -2.09 -0.35 -12.49
N THR D 117 -0.38 -3.32 -10.27
CA THR D 117 -0.78 -4.25 -9.22
C THR D 117 0.32 -5.26 -8.90
N ILE D 118 0.52 -5.52 -7.62
CA ILE D 118 1.47 -6.54 -7.20
C ILE D 118 0.84 -7.59 -6.28
N ALA D 119 1.11 -8.86 -6.58
CA ALA D 119 0.78 -9.93 -5.67
C ALA D 119 1.92 -10.05 -4.67
N THR D 120 1.62 -9.98 -3.38
CA THR D 120 2.69 -9.93 -2.38
C THR D 120 3.51 -11.21 -2.27
N ILE D 121 3.04 -12.31 -2.86
CA ILE D 121 3.86 -13.52 -2.92
C ILE D 121 5.19 -13.22 -3.60
N ASP D 122 5.16 -12.30 -4.55
CA ASP D 122 6.37 -11.89 -5.27
C ASP D 122 7.35 -11.16 -4.34
N LEU D 123 6.81 -10.49 -3.33
CA LEU D 123 7.66 -9.78 -2.37
C LEU D 123 8.19 -10.72 -1.28
N GLU D 124 7.33 -11.62 -0.83
CA GLU D 124 7.64 -12.47 0.32
C GLU D 124 8.53 -13.67 -0.01
N ALA D 125 8.33 -14.24 -1.19
CA ALA D 125 9.03 -15.46 -1.56
C ALA D 125 10.54 -15.37 -1.41
N PRO D 126 11.17 -14.36 -2.04
CA PRO D 126 12.63 -14.24 -1.94
C PRO D 126 13.10 -14.08 -0.50
N LEU D 127 12.30 -13.37 0.30
CA LEU D 127 12.65 -13.09 1.69
C LEU D 127 12.59 -14.35 2.54
N PHE D 128 11.59 -15.19 2.30
CA PHE D 128 11.47 -16.45 3.02
C PHE D 128 12.62 -17.39 2.69
N ILE D 129 13.03 -17.39 1.43
CA ILE D 129 14.10 -18.28 0.99
C ILE D 129 15.43 -17.90 1.62
N LYS D 130 15.74 -16.60 1.63
CA LYS D 130 16.98 -16.13 2.25
C LYS D 130 16.96 -16.36 3.76
N LEU D 131 15.77 -16.26 4.34
CA LEU D 131 15.59 -16.37 5.78
C LEU D 131 15.73 -17.81 6.27
N PHE D 132 15.18 -18.75 5.51
CA PHE D 132 15.13 -20.14 5.95
C PHE D 132 16.22 -21.01 5.32
N ASN D 133 16.74 -20.59 4.17
CA ASN D 133 17.71 -21.41 3.45
C ASN D 133 17.26 -22.87 3.33
N PRO D 134 16.09 -23.10 2.75
CA PRO D 134 15.55 -24.46 2.68
C PRO D 134 16.37 -25.35 1.74
N PRO D 135 16.63 -26.59 2.15
CA PRO D 135 17.47 -27.56 1.41
C PRO D 135 17.17 -27.64 -0.08
N TRP D 136 15.90 -27.56 -0.48
CA TRP D 136 15.53 -27.78 -1.88
C TRP D 136 15.57 -26.51 -2.71
N ASN D 137 15.65 -25.35 -2.05
CA ASN D 137 15.80 -24.08 -2.74
C ASN D 137 17.26 -23.84 -3.12
N ILE D 138 17.49 -22.94 -4.07
CA ILE D 138 18.84 -22.69 -4.57
C ILE D 138 19.47 -21.46 -3.94
#